data_6FL4
#
_entry.id   6FL4
#
_cell.length_a   64.898
_cell.length_b   77.412
_cell.length_c   122.420
_cell.angle_alpha   90.00
_cell.angle_beta   90.00
_cell.angle_gamma   90.00
#
_symmetry.space_group_name_H-M   'I 2 2 2'
#
loop_
_entity.id
_entity.type
_entity.pdbx_description
1 polymer 'Nudix hydrolase 1'
2 non-polymer 'MAGNESIUM ION'
3 non-polymer "8-OXO-2'-DEOXYGUANOSINE-5'-TRIPHOSPHATE"
4 water water
#
_entity_poly.entity_id   1
_entity_poly.type   'polypeptide(L)'
_entity_poly.pdbx_seq_one_letter_code
;MSTGEAIPRVAVVVFILNGNSILLGRRRSSIGNSTFALPGGHLEFGESFEECAAREVMEETGLKIEKMKLLTVTNNVFKE
APTPSHYVSVSIRAVLVDPSQEPKNMEPEKCEGWDWYDWENLPKPLFWPLEKLFGSGFNPFTHGGGD
;
_entity_poly.pdbx_strand_id   A,B
#
# COMPACT_ATOMS: atom_id res chain seq x y z
N ALA A 6 -1.83 17.98 -6.77
CA ALA A 6 -2.79 16.92 -6.27
C ALA A 6 -2.18 15.57 -6.59
N ILE A 7 -1.85 14.82 -5.57
CA ILE A 7 -1.17 13.53 -5.72
C ILE A 7 -1.80 12.53 -4.75
N PRO A 8 -1.65 11.21 -5.03
CA PRO A 8 -2.07 10.25 -4.03
C PRO A 8 -1.19 10.39 -2.77
N ARG A 9 -1.83 10.28 -1.62
CA ARG A 9 -1.18 10.37 -0.32
C ARG A 9 -1.40 9.12 0.47
N VAL A 10 -0.41 8.74 1.26
CA VAL A 10 -0.43 7.50 2.01
C VAL A 10 -0.98 7.71 3.43
N ALA A 11 -1.97 6.89 3.80
CA ALA A 11 -2.47 6.84 5.18
C ALA A 11 -2.27 5.45 5.72
N VAL A 12 -2.10 5.34 7.03
CA VAL A 12 -2.06 4.06 7.70
C VAL A 12 -3.28 4.03 8.59
N VAL A 13 -4.06 2.94 8.51
CA VAL A 13 -5.23 2.75 9.34
C VAL A 13 -5.08 1.47 10.14
N VAL A 14 -5.63 1.48 11.36
CA VAL A 14 -5.30 0.43 12.31
C VAL A 14 -6.53 -0.31 12.81
N PHE A 15 -6.56 -1.63 12.59
CA PHE A 15 -7.54 -2.53 13.19
C PHE A 15 -6.93 -3.01 14.52
N ILE A 16 -7.42 -2.44 15.60
CA ILE A 16 -7.01 -2.82 16.96
C ILE A 16 -7.99 -3.90 17.38
N LEU A 17 -7.49 -5.11 17.50
CA LEU A 17 -8.33 -6.27 17.81
C LEU A 17 -8.32 -6.53 19.32
N ASN A 18 -9.50 -6.54 19.92
CA ASN A 18 -9.69 -6.76 21.35
C ASN A 18 -10.84 -7.76 21.47
N GLY A 19 -10.51 -9.00 21.76
CA GLY A 19 -11.50 -10.08 21.72
C GLY A 19 -12.07 -10.27 20.34
N ASN A 20 -13.38 -10.13 20.20
CA ASN A 20 -14.03 -10.17 18.89
C ASN A 20 -14.45 -8.76 18.45
N SER A 21 -13.78 -7.74 18.99
CA SER A 21 -14.15 -6.35 18.68
C SER A 21 -13.00 -5.57 18.06
N ILE A 22 -13.39 -4.49 17.38
CA ILE A 22 -12.44 -3.54 16.81
C ILE A 22 -12.80 -2.13 17.28
N LEU A 23 -11.80 -1.23 17.27
CA LEU A 23 -12.03 0.15 17.68
C LEU A 23 -12.49 0.99 16.49
N LEU A 24 -13.61 1.70 16.68
CA LEU A 24 -14.13 2.65 15.68
C LEU A 24 -14.56 3.94 16.38
N GLY A 25 -14.63 5.00 15.62
CA GLY A 25 -15.09 6.29 16.12
C GLY A 25 -15.65 7.08 14.97
N ARG A 26 -16.65 7.92 15.29
CA ARG A 26 -17.25 8.82 14.33
C ARG A 26 -16.35 10.00 14.01
N ARG A 27 -16.06 10.20 12.75
CA ARG A 27 -15.20 11.28 12.31
C ARG A 27 -15.86 12.65 12.43
N ARG A 28 -15.03 13.64 12.71
CA ARG A 28 -15.36 15.06 12.53
C ARG A 28 -14.31 15.58 11.54
N SER A 29 -14.73 15.74 10.29
CA SER A 29 -13.82 15.94 9.17
C SER A 29 -14.58 16.40 7.93
N SER A 30 -13.84 16.97 6.98
CA SER A 30 -14.33 17.24 5.62
C SER A 30 -14.63 15.97 4.84
N ILE A 31 -13.93 14.89 5.18
CA ILE A 31 -14.07 13.60 4.51
C ILE A 31 -14.63 12.59 5.51
N GLY A 32 -15.73 11.96 5.13
CA GLY A 32 -16.36 10.94 5.97
C GLY A 32 -16.97 11.46 7.25
N ASN A 33 -17.45 12.71 7.24
CA ASN A 33 -17.99 13.30 8.44
C ASN A 33 -19.12 12.47 9.01
N SER A 34 -19.07 12.23 10.32
CA SER A 34 -20.10 11.51 11.08
C SER A 34 -20.13 10.01 10.82
N THR A 35 -19.17 9.48 10.07
CA THR A 35 -19.12 8.05 9.77
C THR A 35 -18.09 7.39 10.69
N PHE A 36 -18.32 6.12 10.94
CA PHE A 36 -17.44 5.32 11.81
C PHE A 36 -16.23 4.83 11.03
N ALA A 37 -15.03 5.14 11.58
CA ALA A 37 -13.77 4.87 10.90
C ALA A 37 -12.75 4.34 11.90
N LEU A 38 -11.69 3.76 11.36
CA LEU A 38 -10.56 3.28 12.19
C LEU A 38 -9.67 4.46 12.60
N PRO A 39 -8.93 4.30 13.71
CA PRO A 39 -7.84 5.22 14.01
C PRO A 39 -6.77 5.12 12.94
N GLY A 40 -6.06 6.24 12.72
CA GLY A 40 -5.04 6.27 11.69
C GLY A 40 -4.83 7.64 11.13
N GLY A 41 -3.93 7.77 10.17
CA GLY A 41 -3.65 9.06 9.59
C GLY A 41 -2.47 9.02 8.66
N HIS A 42 -1.91 10.18 8.37
CA HIS A 42 -0.90 10.30 7.35
C HIS A 42 0.42 9.63 7.75
N LEU A 43 0.99 8.87 6.83
CA LEU A 43 2.35 8.38 6.97
C LEU A 43 3.32 9.56 6.85
N GLU A 44 4.25 9.68 7.79
CA GLU A 44 5.25 10.74 7.77
C GLU A 44 6.51 10.30 7.05
N PHE A 45 7.22 11.25 6.45
CA PHE A 45 8.51 10.93 5.84
C PHE A 45 9.45 10.25 6.82
N GLY A 46 10.06 9.16 6.36
CA GLY A 46 11.01 8.39 7.13
C GLY A 46 10.44 7.42 8.11
N GLU A 47 9.11 7.33 8.19
CA GLU A 47 8.42 6.48 9.12
C GLU A 47 8.03 5.13 8.51
N SER A 48 8.09 4.05 9.29
CA SER A 48 7.59 2.74 8.83
C SER A 48 6.07 2.67 9.04
N PHE A 49 5.43 1.68 8.41
CA PHE A 49 3.99 1.52 8.54
C PHE A 49 3.66 1.22 10.00
N GLU A 50 4.50 0.41 10.64
CA GLU A 50 4.24 -0.05 12.02
C GLU A 50 4.41 1.12 13.01
N GLU A 51 5.43 1.93 12.75
CA GLU A 51 5.71 3.12 13.58
C GLU A 51 4.55 4.13 13.48
N CYS A 52 4.09 4.35 12.25
CA CYS A 52 2.95 5.24 11.96
C CYS A 52 1.67 4.75 12.68
N ALA A 53 1.41 3.45 12.57
CA ALA A 53 0.25 2.86 13.26
C ALA A 53 0.28 3.17 14.78
N ALA A 54 1.43 2.92 15.41
CA ALA A 54 1.56 3.11 16.86
C ALA A 54 1.45 4.59 17.21
N ARG A 55 2.11 5.44 16.44
CA ARG A 55 2.08 6.88 16.66
C ARG A 55 0.65 7.42 16.53
N GLU A 56 -0.02 7.09 15.43
CA GLU A 56 -1.38 7.62 15.15
C GLU A 56 -2.38 7.14 16.20
N VAL A 57 -2.32 5.87 16.53
CA VAL A 57 -3.16 5.34 17.59
C VAL A 57 -2.90 6.06 18.92
N MET A 58 -1.63 6.29 19.25
CA MET A 58 -1.34 7.00 20.48
C MET A 58 -1.90 8.44 20.44
N GLU A 59 -1.68 9.15 19.35
CA GLU A 59 -2.13 10.54 19.21
C GLU A 59 -3.64 10.65 19.34
N GLU A 60 -4.35 9.73 18.68
CA GLU A 60 -5.81 9.82 18.59
C GLU A 60 -6.56 9.22 19.77
N THR A 61 -6.01 8.15 20.35
CA THR A 61 -6.71 7.34 21.35
C THR A 61 -5.97 7.15 22.69
N GLY A 62 -4.69 7.53 22.74
CA GLY A 62 -3.84 7.21 23.87
C GLY A 62 -3.45 5.74 24.05
N LEU A 63 -3.98 4.84 23.23
CA LEU A 63 -3.75 3.43 23.40
C LEU A 63 -2.32 3.01 22.97
N LYS A 64 -1.74 2.11 23.78
CA LYS A 64 -0.46 1.48 23.50
C LYS A 64 -0.73 0.16 22.79
N ILE A 65 -0.21 0.04 21.58
CA ILE A 65 -0.43 -1.16 20.80
C ILE A 65 0.88 -1.84 20.47
N GLU A 66 0.76 -3.12 20.14
CA GLU A 66 1.89 -3.94 19.78
C GLU A 66 1.50 -4.98 18.74
N LYS A 67 2.50 -5.70 18.28
CA LYS A 67 2.35 -6.80 17.31
C LYS A 67 1.70 -6.33 16.01
N MET A 68 2.13 -5.16 15.56
CA MET A 68 1.63 -4.50 14.32
C MET A 68 1.97 -5.42 13.15
N LYS A 69 0.99 -5.77 12.31
CA LYS A 69 1.21 -6.62 11.12
C LYS A 69 0.43 -6.07 9.94
N LEU A 70 1.08 -6.05 8.77
CA LEU A 70 0.42 -5.59 7.55
C LEU A 70 -0.71 -6.52 7.17
N LEU A 71 -1.87 -5.92 6.88
CA LEU A 71 -3.01 -6.66 6.35
C LEU A 71 -3.11 -6.46 4.84
N THR A 72 -3.44 -5.25 4.40
CA THR A 72 -3.60 -5.02 2.96
C THR A 72 -3.45 -3.53 2.65
N VAL A 73 -3.71 -3.17 1.40
CA VAL A 73 -3.69 -1.76 0.98
C VAL A 73 -4.88 -1.53 0.05
N THR A 74 -5.52 -0.37 0.18
CA THR A 74 -6.66 0.00 -0.65
C THR A 74 -6.44 1.36 -1.27
N ASN A 75 -7.07 1.54 -2.42
CA ASN A 75 -6.97 2.76 -3.20
C ASN A 75 -8.30 3.48 -3.12
N ASN A 76 -8.31 4.64 -2.46
CA ASN A 76 -9.54 5.35 -2.16
C ASN A 76 -9.51 6.78 -2.69
N VAL A 77 -10.22 7.03 -3.78
CA VAL A 77 -10.36 8.35 -4.35
C VAL A 77 -11.69 8.91 -3.86
N PHE A 78 -11.65 10.04 -3.17
CA PHE A 78 -12.82 10.65 -2.58
C PHE A 78 -13.36 11.71 -3.53
N LYS A 79 -14.18 11.26 -4.49
CA LYS A 79 -14.77 12.12 -5.53
C LYS A 79 -15.73 13.16 -4.93
N GLU A 80 -16.30 12.81 -3.79
CA GLU A 80 -17.19 13.66 -3.01
C GLU A 80 -16.46 14.73 -2.18
N ALA A 81 -15.14 14.62 -1.99
CA ALA A 81 -14.40 15.60 -1.17
C ALA A 81 -14.35 16.98 -1.83
N PRO A 82 -14.32 18.04 -1.02
CA PRO A 82 -14.29 19.41 -1.57
C PRO A 82 -12.96 19.79 -2.21
N THR A 83 -11.91 18.99 -1.98
CA THR A 83 -10.62 19.17 -2.60
C THR A 83 -10.09 17.80 -3.05
N PRO A 84 -9.09 17.81 -3.98
CA PRO A 84 -8.56 16.58 -4.53
C PRO A 84 -8.02 15.69 -3.44
N SER A 85 -8.65 14.54 -3.26
CA SER A 85 -8.37 13.68 -2.13
C SER A 85 -8.30 12.22 -2.59
N HIS A 86 -7.07 11.71 -2.63
CA HIS A 86 -6.81 10.35 -3.07
C HIS A 86 -5.86 9.77 -2.03
N TYR A 87 -6.33 8.75 -1.30
CA TYR A 87 -5.56 8.12 -0.27
C TYR A 87 -5.30 6.68 -0.61
N VAL A 88 -4.05 6.28 -0.45
CA VAL A 88 -3.62 4.88 -0.51
C VAL A 88 -3.50 4.47 0.97
N SER A 89 -4.40 3.59 1.40
CA SER A 89 -4.61 3.33 2.82
C SER A 89 -4.05 1.96 3.16
N VAL A 90 -2.99 1.95 3.95
CA VAL A 90 -2.33 0.72 4.38
C VAL A 90 -2.96 0.28 5.70
N SER A 91 -3.56 -0.92 5.70
N SER A 91 -3.56 -0.91 5.73
CA SER A 91 -4.22 -1.49 6.89
CA SER A 91 -4.21 -1.39 6.95
C SER A 91 -3.21 -2.29 7.73
C SER A 91 -3.29 -2.30 7.74
N ILE A 92 -3.19 -2.00 9.03
CA ILE A 92 -2.34 -2.69 9.99
C ILE A 92 -3.23 -3.29 11.08
N ARG A 93 -2.96 -4.54 11.46
CA ARG A 93 -3.56 -5.19 12.60
C ARG A 93 -2.67 -4.99 13.80
N ALA A 94 -3.27 -4.75 14.95
CA ALA A 94 -2.51 -4.66 16.21
C ALA A 94 -3.38 -5.06 17.37
N VAL A 95 -2.75 -5.29 18.52
CA VAL A 95 -3.47 -5.52 19.75
C VAL A 95 -2.95 -4.59 20.85
N LEU A 96 -3.73 -4.52 21.94
CA LEU A 96 -3.36 -3.73 23.09
C LEU A 96 -2.22 -4.38 23.89
N VAL A 97 -1.28 -3.54 24.29
CA VAL A 97 -0.21 -3.98 25.23
C VAL A 97 -0.85 -4.40 26.56
N ASP A 98 -1.81 -3.61 27.01
CA ASP A 98 -2.58 -3.88 28.23
C ASP A 98 -4.05 -3.97 27.84
N PRO A 99 -4.60 -5.18 27.87
CA PRO A 99 -5.99 -5.35 27.42
C PRO A 99 -7.04 -4.59 28.24
N SER A 100 -6.68 -4.11 29.44
N SER A 100 -6.66 -4.10 29.43
CA SER A 100 -7.58 -3.28 30.25
CA SER A 100 -7.54 -3.28 30.26
C SER A 100 -7.54 -1.78 29.91
C SER A 100 -7.46 -1.77 30.00
N GLN A 101 -6.57 -1.33 29.11
CA GLN A 101 -6.45 0.09 28.84
C GLN A 101 -7.67 0.57 28.05
N GLU A 102 -8.20 1.72 28.45
CA GLU A 102 -9.39 2.30 27.80
C GLU A 102 -8.99 3.35 26.80
N PRO A 103 -9.71 3.43 25.66
CA PRO A 103 -9.43 4.55 24.76
C PRO A 103 -9.85 5.88 25.35
N LYS A 104 -9.19 6.93 24.90
CA LYS A 104 -9.49 8.30 25.26
C LYS A 104 -9.64 9.11 24.02
N ASN A 105 -10.56 10.08 24.04
CA ASN A 105 -10.79 10.89 22.86
C ASN A 105 -9.82 12.08 22.92
N MET A 106 -8.61 11.85 22.40
CA MET A 106 -7.53 12.82 22.56
C MET A 106 -7.68 14.06 21.71
N GLU A 107 -8.44 13.96 20.62
CA GLU A 107 -8.64 15.02 19.65
C GLU A 107 -10.15 15.18 19.39
N PRO A 108 -10.86 15.74 20.36
CA PRO A 108 -12.33 15.83 20.26
C PRO A 108 -12.83 16.69 19.10
N GLU A 109 -11.98 17.55 18.54
CA GLU A 109 -12.37 18.31 17.34
C GLU A 109 -12.30 17.46 16.06
N LYS A 110 -11.69 16.27 16.13
CA LYS A 110 -11.50 15.38 14.99
C LYS A 110 -12.26 14.07 15.09
N CYS A 111 -12.81 13.78 16.27
CA CYS A 111 -13.53 12.53 16.50
C CYS A 111 -14.57 12.70 17.59
N GLU A 112 -15.70 12.05 17.47
CA GLU A 112 -16.71 12.12 18.52
C GLU A 112 -16.39 11.25 19.73
N GLY A 113 -15.48 10.29 19.56
CA GLY A 113 -15.14 9.34 20.63
C GLY A 113 -14.87 7.97 20.04
N TRP A 114 -14.10 7.17 20.77
CA TRP A 114 -13.66 5.86 20.32
C TRP A 114 -14.32 4.80 21.17
N ASP A 115 -14.85 3.76 20.55
CA ASP A 115 -15.43 2.63 21.28
C ASP A 115 -15.14 1.32 20.57
N TRP A 116 -15.33 0.23 21.30
CA TRP A 116 -15.15 -1.11 20.79
C TRP A 116 -16.48 -1.64 20.24
N TYR A 117 -16.42 -2.25 19.07
CA TYR A 117 -17.58 -2.84 18.44
C TYR A 117 -17.31 -4.27 18.04
N ASP A 118 -18.28 -5.12 18.37
CA ASP A 118 -18.22 -6.54 18.04
C ASP A 118 -18.31 -6.71 16.53
N TRP A 119 -17.47 -7.60 16.02
CA TRP A 119 -17.38 -7.89 14.58
C TRP A 119 -18.72 -8.20 13.91
N GLU A 120 -19.58 -8.93 14.63
CA GLU A 120 -20.90 -9.31 14.10
C GLU A 120 -21.95 -8.21 14.23
N ASN A 121 -21.62 -7.11 14.91
CA ASN A 121 -22.57 -6.04 15.15
C ASN A 121 -21.92 -4.69 15.00
N LEU A 122 -21.30 -4.47 13.85
CA LEU A 122 -20.66 -3.19 13.58
C LEU A 122 -21.69 -2.09 13.48
N PRO A 123 -21.31 -0.85 13.82
CA PRO A 123 -22.22 0.27 13.79
C PRO A 123 -22.41 0.81 12.37
N LYS A 124 -23.41 1.67 12.20
CA LYS A 124 -23.67 2.32 10.92
C LYS A 124 -23.80 3.80 11.14
N PRO A 125 -23.42 4.63 10.17
CA PRO A 125 -22.82 4.26 8.90
C PRO A 125 -21.31 4.11 9.01
N LEU A 126 -20.78 3.05 8.43
CA LEU A 126 -19.33 2.91 8.29
C LEU A 126 -18.82 3.83 7.21
N PHE A 127 -17.67 4.42 7.46
CA PHE A 127 -16.91 5.18 6.46
C PHE A 127 -16.75 4.31 5.23
N TRP A 128 -17.10 4.85 4.05
CA TRP A 128 -17.28 3.98 2.86
C TRP A 128 -16.06 3.12 2.45
N PRO A 129 -14.81 3.63 2.58
CA PRO A 129 -13.68 2.75 2.24
C PRO A 129 -13.60 1.53 3.13
N LEU A 130 -13.94 1.73 4.39
CA LEU A 130 -13.99 0.63 5.35
C LEU A 130 -15.11 -0.35 4.99
N GLU A 131 -16.29 0.19 4.66
CA GLU A 131 -17.41 -0.62 4.22
C GLU A 131 -17.08 -1.43 2.95
N LYS A 132 -16.41 -0.77 2.00
CA LYS A 132 -16.05 -1.45 0.75
C LYS A 132 -15.09 -2.61 1.00
N LEU A 133 -14.13 -2.40 1.90
CA LEU A 133 -13.16 -3.44 2.24
C LEU A 133 -13.88 -4.65 2.83
N PHE A 134 -14.75 -4.41 3.80
CA PHE A 134 -15.53 -5.48 4.40
C PHE A 134 -16.44 -6.19 3.39
N GLY A 135 -17.05 -5.42 2.49
CA GLY A 135 -17.94 -6.00 1.49
C GLY A 135 -17.21 -7.02 0.60
N SER A 136 -15.92 -6.81 0.39
CA SER A 136 -15.08 -7.76 -0.36
C SER A 136 -14.83 -9.10 0.36
N GLY A 137 -15.20 -9.20 1.64
CA GLY A 137 -15.02 -10.40 2.44
C GLY A 137 -13.83 -10.28 3.37
N PHE A 138 -13.12 -9.16 3.28
CA PHE A 138 -11.98 -8.93 4.17
C PHE A 138 -12.38 -9.07 5.65
N ASN A 139 -11.59 -9.87 6.38
CA ASN A 139 -11.77 -10.06 7.81
C ASN A 139 -10.42 -9.84 8.51
N PRO A 140 -10.30 -8.79 9.34
CA PRO A 140 -8.99 -8.49 9.92
C PRO A 140 -8.54 -9.49 10.98
N PHE A 141 -9.47 -10.30 11.50
CA PHE A 141 -9.18 -11.28 12.54
C PHE A 141 -8.47 -12.49 11.95
N THR A 142 -8.82 -12.84 10.73
CA THR A 142 -8.34 -14.08 10.13
C THR A 142 -7.40 -13.88 8.93
N HIS A 143 -7.25 -12.64 8.44
CA HIS A 143 -6.50 -12.37 7.19
C HIS A 143 -5.06 -12.87 7.24
N ALA B 6 9.40 16.61 1.12
CA ALA B 6 9.60 15.24 1.68
C ALA B 6 8.29 14.65 2.20
N ILE B 7 7.53 14.03 1.30
CA ILE B 7 6.41 13.20 1.69
C ILE B 7 6.56 11.82 1.05
N PRO B 8 6.02 10.78 1.71
CA PRO B 8 5.99 9.48 1.05
C PRO B 8 5.20 9.54 -0.26
N ARG B 9 5.75 8.95 -1.32
CA ARG B 9 5.10 8.95 -2.64
C ARG B 9 4.77 7.52 -3.02
N VAL B 10 3.68 7.35 -3.76
CA VAL B 10 3.16 6.03 -4.12
C VAL B 10 3.63 5.64 -5.49
N ALA B 11 4.20 4.43 -5.58
CA ALA B 11 4.54 3.82 -6.85
C ALA B 11 3.80 2.52 -7.00
N VAL B 12 3.52 2.13 -8.23
CA VAL B 12 2.97 0.82 -8.53
C VAL B 12 4.04 0.13 -9.33
N VAL B 13 4.37 -1.11 -8.97
CA VAL B 13 5.40 -1.88 -9.66
C VAL B 13 4.76 -3.21 -10.06
N VAL B 14 5.19 -3.78 -11.19
CA VAL B 14 4.46 -4.87 -11.81
C VAL B 14 5.35 -6.09 -12.00
N PHE B 15 4.89 -7.18 -11.44
CA PHE B 15 5.45 -8.50 -11.67
C PHE B 15 4.69 -9.12 -12.87
N ILE B 16 5.31 -9.06 -14.05
CA ILE B 16 4.73 -9.69 -15.25
C ILE B 16 5.28 -11.09 -15.29
N LEU B 17 4.41 -12.06 -15.10
CA LEU B 17 4.81 -13.47 -15.03
C LEU B 17 4.63 -14.12 -16.39
N ASN B 18 5.67 -14.82 -16.86
CA ASN B 18 5.61 -15.49 -18.13
C ASN B 18 6.35 -16.80 -17.94
N GLY B 19 5.60 -17.90 -17.91
CA GLY B 19 6.17 -19.18 -17.48
C GLY B 19 6.70 -19.05 -16.06
N ASN B 20 7.96 -19.42 -15.88
CA ASN B 20 8.62 -19.29 -14.58
C ASN B 20 9.48 -18.04 -14.52
N SER B 21 9.25 -17.07 -15.42
CA SER B 21 10.06 -15.87 -15.49
C SER B 21 9.30 -14.60 -15.11
N ILE B 22 10.07 -13.59 -14.72
CA ILE B 22 9.57 -12.24 -14.52
C ILE B 22 10.32 -11.25 -15.38
N LEU B 23 9.69 -10.12 -15.71
CA LEU B 23 10.34 -9.09 -16.51
C LEU B 23 11.14 -8.15 -15.60
N LEU B 24 12.43 -7.96 -15.91
CA LEU B 24 13.28 -6.98 -15.21
C LEU B 24 14.12 -6.20 -16.19
N GLY B 25 14.56 -5.02 -15.76
CA GLY B 25 15.44 -4.19 -16.58
C GLY B 25 16.35 -3.34 -15.73
N ARG B 26 17.54 -3.04 -16.28
CA ARG B 26 18.48 -2.22 -15.54
C ARG B 26 18.10 -0.76 -15.61
N ARG B 27 17.97 -0.14 -14.43
CA ARG B 27 17.63 1.27 -14.36
C ARG B 27 18.77 2.15 -14.84
N ARG B 28 18.42 3.31 -15.38
CA ARG B 28 19.33 4.43 -15.65
C ARG B 28 18.62 5.50 -14.79
N SER B 29 19.18 5.83 -13.64
CA SER B 29 18.50 6.70 -12.67
C SER B 29 19.46 7.17 -11.59
N SER B 30 19.09 8.24 -10.89
CA SER B 30 19.88 8.70 -9.74
C SER B 30 19.80 7.71 -8.58
N ILE B 31 18.72 6.92 -8.53
CA ILE B 31 18.51 5.92 -7.49
C ILE B 31 18.43 4.52 -8.12
N GLY B 32 19.17 3.58 -7.57
CA GLY B 32 19.21 2.22 -8.11
C GLY B 32 19.87 2.15 -9.47
N ASN B 33 20.84 3.02 -9.73
CA ASN B 33 21.43 3.08 -11.06
C ASN B 33 22.08 1.74 -11.42
N SER B 34 21.77 1.29 -12.62
CA SER B 34 22.28 0.02 -13.17
C SER B 34 21.73 -1.26 -12.52
N THR B 35 20.79 -1.14 -11.57
CA THR B 35 20.25 -2.29 -10.89
C THR B 35 19.00 -2.78 -11.60
N PHE B 36 18.68 -4.06 -11.39
CA PHE B 36 17.54 -4.67 -12.06
C PHE B 36 16.27 -4.43 -11.28
N ALA B 37 15.24 -3.91 -11.97
CA ALA B 37 14.00 -3.52 -11.33
C ALA B 37 12.80 -3.90 -12.19
N LEU B 38 11.64 -3.82 -11.58
CA LEU B 38 10.37 -4.08 -12.28
C LEU B 38 9.91 -2.88 -13.06
N PRO B 39 9.08 -3.11 -14.09
CA PRO B 39 8.39 -1.95 -14.66
C PRO B 39 7.42 -1.37 -13.63
N GLY B 40 7.17 -0.08 -13.78
CA GLY B 40 6.30 0.60 -12.84
C GLY B 40 6.63 2.08 -12.76
N GLY B 41 5.93 2.78 -11.90
CA GLY B 41 6.12 4.22 -11.77
C GLY B 41 5.12 4.84 -10.81
N HIS B 42 5.08 6.17 -10.82
CA HIS B 42 4.25 6.91 -9.86
C HIS B 42 2.76 6.77 -10.16
N LEU B 43 1.99 6.52 -9.13
CA LEU B 43 0.54 6.46 -9.22
C LEU B 43 0.01 7.88 -9.44
N GLU B 44 -0.84 8.05 -10.44
CA GLU B 44 -1.39 9.37 -10.74
C GLU B 44 -2.63 9.63 -9.92
N PHE B 45 -2.90 10.92 -9.68
CA PHE B 45 -4.13 11.27 -9.03
C PHE B 45 -5.37 10.69 -9.73
N GLY B 46 -6.25 10.07 -8.96
CA GLY B 46 -7.49 9.49 -9.45
C GLY B 46 -7.39 8.12 -10.10
N GLU B 47 -6.15 7.64 -10.27
CA GLU B 47 -5.87 6.40 -10.96
C GLU B 47 -6.03 5.17 -10.03
N SER B 48 -6.55 4.05 -10.54
CA SER B 48 -6.55 2.80 -9.77
C SER B 48 -5.17 2.11 -9.85
N PHE B 49 -4.93 1.15 -8.98
CA PHE B 49 -3.66 0.40 -9.04
C PHE B 49 -3.52 -0.31 -10.40
N GLU B 50 -4.62 -0.87 -10.86
N GLU B 50 -4.59 -0.94 -10.85
CA GLU B 50 -4.66 -1.66 -12.06
CA GLU B 50 -4.55 -1.69 -12.12
C GLU B 50 -4.42 -0.79 -13.30
C GLU B 50 -4.39 -0.77 -13.32
N GLU B 51 -5.05 0.38 -13.32
CA GLU B 51 -4.86 1.37 -14.39
C GLU B 51 -3.40 1.81 -14.46
N CYS B 52 -2.80 2.08 -13.29
CA CYS B 52 -1.40 2.48 -13.22
C CYS B 52 -0.47 1.39 -13.72
N ALA B 53 -0.70 0.18 -13.25
CA ALA B 53 0.09 -0.97 -13.66
C ALA B 53 0.09 -1.12 -15.19
N ALA B 54 -1.11 -1.12 -15.76
CA ALA B 54 -1.19 -1.32 -17.21
C ALA B 54 -0.59 -0.14 -17.97
N ARG B 55 -0.85 1.07 -17.50
CA ARG B 55 -0.30 2.26 -18.16
C ARG B 55 1.22 2.31 -18.11
N GLU B 56 1.78 2.07 -16.91
CA GLU B 56 3.25 2.11 -16.77
C GLU B 56 3.91 1.01 -17.63
N VAL B 57 3.34 -0.18 -17.63
CA VAL B 57 3.90 -1.26 -18.42
C VAL B 57 3.86 -0.88 -19.91
N MET B 58 2.74 -0.29 -20.34
CA MET B 58 2.63 0.14 -21.74
C MET B 58 3.65 1.24 -22.08
N GLU B 59 3.72 2.29 -21.25
CA GLU B 59 4.66 3.38 -21.50
C GLU B 59 6.10 2.91 -21.53
N GLU B 60 6.47 1.96 -20.66
CA GLU B 60 7.87 1.57 -20.53
C GLU B 60 8.30 0.45 -21.49
N THR B 61 7.36 -0.47 -21.79
CA THR B 61 7.67 -1.72 -22.46
C THR B 61 6.87 -2.04 -23.70
N GLY B 62 5.74 -1.39 -23.87
CA GLY B 62 4.80 -1.71 -24.94
C GLY B 62 3.91 -2.91 -24.70
N LEU B 63 4.13 -3.63 -23.60
CA LEU B 63 3.46 -4.92 -23.38
C LEU B 63 2.02 -4.70 -22.91
N LYS B 64 1.11 -5.53 -23.44
CA LYS B 64 -0.27 -5.54 -23.02
C LYS B 64 -0.47 -6.62 -21.98
N ILE B 65 -0.99 -6.22 -20.82
CA ILE B 65 -1.14 -7.12 -19.66
C ILE B 65 -2.61 -7.32 -19.30
N GLU B 66 -2.84 -8.38 -18.57
CA GLU B 66 -4.18 -8.75 -18.08
C GLU B 66 -4.12 -9.47 -16.74
N LYS B 67 -5.29 -9.73 -16.16
CA LYS B 67 -5.46 -10.49 -14.92
C LYS B 67 -4.64 -9.89 -13.78
N MET B 68 -4.70 -8.56 -13.67
N MET B 68 -4.70 -8.58 -13.67
CA MET B 68 -3.94 -7.75 -12.69
CA MET B 68 -3.97 -7.89 -12.63
C MET B 68 -4.46 -7.97 -11.25
C MET B 68 -4.49 -8.25 -11.27
N LYS B 69 -3.58 -8.39 -10.33
CA LYS B 69 -3.95 -8.74 -8.95
C LYS B 69 -2.98 -8.07 -7.98
N LEU B 70 -3.55 -7.42 -6.96
CA LEU B 70 -2.72 -6.89 -5.87
C LEU B 70 -1.95 -7.99 -5.14
N LEU B 71 -0.65 -7.79 -4.94
CA LEU B 71 0.16 -8.71 -4.16
C LEU B 71 0.40 -8.14 -2.77
N THR B 72 1.14 -7.04 -2.70
CA THR B 72 1.49 -6.50 -1.38
C THR B 72 1.87 -5.01 -1.51
N VAL B 73 2.34 -4.45 -0.39
CA VAL B 73 2.80 -3.06 -0.39
C VAL B 73 4.02 -3.02 0.52
N THR B 74 5.02 -2.27 0.12
CA THR B 74 6.27 -2.16 0.88
C THR B 74 6.62 -0.69 1.08
N ASN B 75 7.31 -0.44 2.18
CA ASN B 75 7.77 0.89 2.54
C ASN B 75 9.26 0.96 2.30
N ASN B 76 9.68 1.94 1.50
CA ASN B 76 11.05 2.02 1.00
C ASN B 76 11.61 3.43 1.19
N VAL B 77 12.31 3.64 2.30
CA VAL B 77 12.90 4.92 2.61
C VAL B 77 14.38 4.83 2.19
N PHE B 78 14.76 5.61 1.20
CA PHE B 78 16.17 5.76 0.83
C PHE B 78 16.72 6.89 1.71
N LYS B 79 17.02 6.54 2.95
CA LYS B 79 17.43 7.53 3.98
C LYS B 79 18.70 8.31 3.59
N GLU B 80 19.64 7.61 2.94
CA GLU B 80 20.96 8.13 2.62
C GLU B 80 21.12 8.60 1.17
N ALA B 81 20.01 8.79 0.46
CA ALA B 81 20.03 9.45 -0.83
C ALA B 81 20.32 10.93 -0.61
N PRO B 82 20.93 11.61 -1.60
CA PRO B 82 21.23 13.03 -1.43
C PRO B 82 19.99 13.94 -1.38
N THR B 83 18.85 13.48 -1.93
CA THR B 83 17.57 14.19 -1.83
C THR B 83 16.52 13.23 -1.23
N PRO B 84 15.59 13.75 -0.41
CA PRO B 84 14.72 12.86 0.35
C PRO B 84 13.96 11.94 -0.58
N SER B 85 14.02 10.62 -0.36
CA SER B 85 13.27 9.68 -1.16
C SER B 85 12.57 8.62 -0.29
N HIS B 86 11.25 8.73 -0.16
CA HIS B 86 10.42 7.74 0.53
C HIS B 86 9.32 7.27 -0.44
N TYR B 87 9.38 6.00 -0.85
CA TYR B 87 8.36 5.41 -1.72
C TYR B 87 7.57 4.33 -1.00
N VAL B 88 6.28 4.28 -1.27
CA VAL B 88 5.39 3.23 -0.80
C VAL B 88 5.01 2.55 -2.11
N SER B 89 5.41 1.28 -2.26
CA SER B 89 5.40 0.63 -3.57
C SER B 89 4.37 -0.49 -3.48
N VAL B 90 3.35 -0.36 -4.29
CA VAL B 90 2.24 -1.33 -4.40
C VAL B 90 2.57 -2.28 -5.54
N SER B 91 2.68 -3.57 -5.20
N SER B 91 2.66 -3.57 -5.24
CA SER B 91 3.06 -4.62 -6.17
CA SER B 91 3.05 -4.55 -6.25
C SER B 91 1.78 -5.24 -6.78
C SER B 91 1.84 -5.31 -6.78
N ILE B 92 1.79 -5.39 -8.11
CA ILE B 92 0.70 -5.96 -8.87
C ILE B 92 1.29 -7.09 -9.69
N ARG B 93 0.59 -8.23 -9.67
CA ARG B 93 0.88 -9.39 -10.56
C ARG B 93 0.05 -9.23 -11.82
N ALA B 94 0.65 -9.60 -12.94
CA ALA B 94 -0.08 -9.63 -14.21
C ALA B 94 0.56 -10.65 -15.13
N VAL B 95 -0.16 -10.99 -16.21
CA VAL B 95 0.37 -11.84 -17.27
C VAL B 95 0.11 -11.15 -18.61
N LEU B 96 0.80 -11.62 -19.64
CA LEU B 96 0.62 -11.05 -20.96
C LEU B 96 -0.63 -11.57 -21.64
N VAL B 97 -1.28 -10.67 -22.34
CA VAL B 97 -2.38 -11.04 -23.25
C VAL B 97 -1.83 -11.93 -24.37
N ASP B 98 -0.63 -11.59 -24.85
CA ASP B 98 0.10 -12.34 -25.88
C ASP B 98 1.45 -12.75 -25.28
N PRO B 99 1.57 -14.01 -24.84
CA PRO B 99 2.83 -14.40 -24.17
C PRO B 99 4.06 -14.36 -25.10
N SER B 100 3.84 -14.27 -26.41
CA SER B 100 4.95 -14.10 -27.36
C SER B 100 5.32 -12.65 -27.68
N GLN B 101 4.60 -11.68 -27.11
CA GLN B 101 4.86 -10.28 -27.40
C GLN B 101 6.22 -9.93 -26.82
N GLU B 102 7.08 -9.35 -27.64
CA GLU B 102 8.41 -8.95 -27.19
C GLU B 102 8.37 -7.62 -26.51
N PRO B 103 9.08 -7.50 -25.37
CA PRO B 103 9.24 -6.20 -24.74
C PRO B 103 10.06 -5.25 -25.61
N LYS B 104 9.70 -3.98 -25.61
CA LYS B 104 10.43 -2.92 -26.28
C LYS B 104 11.03 -1.99 -25.24
N ASN B 105 12.11 -1.29 -25.56
CA ASN B 105 12.71 -0.36 -24.62
C ASN B 105 12.22 1.02 -25.00
N MET B 106 11.06 1.39 -24.50
CA MET B 106 10.39 2.59 -24.93
C MET B 106 11.03 3.84 -24.40
N GLU B 107 11.75 3.73 -23.28
CA GLU B 107 12.34 4.89 -22.61
C GLU B 107 13.82 4.61 -22.31
N PRO B 108 14.67 4.64 -23.34
CA PRO B 108 16.08 4.24 -23.17
C PRO B 108 16.90 5.17 -22.27
N GLU B 109 16.42 6.39 -22.05
CA GLU B 109 17.02 7.30 -21.07
C GLU B 109 16.82 6.79 -19.61
N LYS B 110 15.83 5.92 -19.38
CA LYS B 110 15.51 5.41 -18.03
C LYS B 110 15.80 3.94 -17.78
N CYS B 111 16.04 3.17 -18.84
CA CYS B 111 16.21 1.73 -18.70
C CYS B 111 17.13 1.24 -19.79
N GLU B 112 18.02 0.30 -19.48
CA GLU B 112 18.88 -0.31 -20.52
C GLU B 112 18.16 -1.31 -21.42
N GLY B 113 16.97 -1.79 -21.04
CA GLY B 113 16.23 -2.81 -21.77
C GLY B 113 15.57 -3.78 -20.80
N TRP B 114 14.48 -4.39 -21.24
CA TRP B 114 13.69 -5.31 -20.47
C TRP B 114 13.86 -6.73 -20.97
N ASP B 115 14.06 -7.67 -20.06
CA ASP B 115 14.27 -9.06 -20.40
C ASP B 115 13.61 -9.96 -19.35
N TRP B 116 13.42 -11.21 -19.73
CA TRP B 116 12.82 -12.22 -18.86
C TRP B 116 13.92 -12.96 -18.09
N TYR B 117 13.68 -13.13 -16.79
CA TYR B 117 14.59 -13.86 -15.91
C TYR B 117 13.84 -14.94 -15.14
N ASP B 118 14.39 -16.15 -15.14
CA ASP B 118 13.78 -17.26 -14.45
C ASP B 118 13.89 -17.04 -12.93
N TRP B 119 12.84 -17.43 -12.23
CA TRP B 119 12.75 -17.28 -10.77
C TRP B 119 13.92 -17.92 -10.02
N GLU B 120 14.45 -19.04 -10.57
CA GLU B 120 15.60 -19.73 -9.96
C GLU B 120 16.98 -19.23 -10.43
N ASN B 121 17.03 -18.18 -11.25
CA ASN B 121 18.29 -17.64 -11.76
C ASN B 121 18.14 -16.14 -12.00
N LEU B 122 17.77 -15.44 -10.94
CA LEU B 122 17.57 -14.00 -11.01
C LEU B 122 18.89 -13.29 -11.15
N PRO B 123 18.91 -12.17 -11.87
CA PRO B 123 20.13 -11.40 -12.10
C PRO B 123 20.51 -10.59 -10.84
N LYS B 124 21.74 -10.08 -10.84
CA LYS B 124 22.24 -9.19 -9.80
C LYS B 124 22.93 -8.02 -10.47
N PRO B 125 22.94 -6.84 -9.83
CA PRO B 125 22.32 -6.55 -8.57
C PRO B 125 20.84 -6.17 -8.77
N LEU B 126 20.01 -6.62 -7.86
CA LEU B 126 18.61 -6.20 -7.84
C LEU B 126 18.51 -4.84 -7.17
N PHE B 127 17.59 -4.03 -7.68
CA PHE B 127 17.22 -2.79 -7.02
C PHE B 127 16.84 -3.07 -5.57
N TRP B 128 17.34 -2.27 -4.63
CA TRP B 128 17.21 -2.62 -3.21
C TRP B 128 15.80 -2.97 -2.71
N PRO B 129 14.78 -2.18 -3.09
CA PRO B 129 13.42 -2.54 -2.64
C PRO B 129 13.02 -3.95 -3.08
N LEU B 130 13.46 -4.35 -4.27
CA LEU B 130 13.17 -5.69 -4.76
C LEU B 130 13.98 -6.75 -4.02
N GLU B 131 15.28 -6.50 -3.81
CA GLU B 131 16.13 -7.37 -2.98
C GLU B 131 15.51 -7.59 -1.60
N LYS B 132 15.04 -6.49 -0.98
CA LYS B 132 14.48 -6.52 0.35
C LYS B 132 13.19 -7.34 0.39
N LEU B 133 12.32 -7.11 -0.58
CA LEU B 133 11.08 -7.86 -0.65
C LEU B 133 11.34 -9.36 -0.85
N PHE B 134 12.24 -9.68 -1.77
CA PHE B 134 12.54 -11.09 -2.04
C PHE B 134 13.24 -11.74 -0.86
N GLY B 135 14.08 -10.98 -0.16
CA GLY B 135 14.76 -11.48 1.04
C GLY B 135 13.81 -11.88 2.15
N SER B 136 12.60 -11.33 2.14
CA SER B 136 11.57 -11.67 3.11
C SER B 136 10.86 -13.02 2.84
N GLY B 137 11.10 -13.64 1.69
CA GLY B 137 10.40 -14.87 1.29
C GLY B 137 9.29 -14.63 0.28
N PHE B 138 9.02 -13.36 -0.06
CA PHE B 138 7.95 -13.04 -1.01
C PHE B 138 8.17 -13.73 -2.35
N ASN B 139 7.11 -14.34 -2.86
CA ASN B 139 7.15 -15.04 -4.14
C ASN B 139 5.95 -14.58 -4.95
N PRO B 140 6.18 -13.86 -6.06
CA PRO B 140 5.03 -13.30 -6.80
C PRO B 140 4.20 -14.35 -7.55
N PHE B 141 4.73 -15.56 -7.72
CA PHE B 141 4.01 -16.59 -8.41
C PHE B 141 2.95 -17.21 -7.51
N THR B 142 3.19 -17.22 -6.20
CA THR B 142 2.28 -17.89 -5.25
C THR B 142 1.65 -17.01 -4.14
N HIS B 143 2.09 -15.75 -4.00
CA HIS B 143 1.66 -14.91 -2.87
C HIS B 143 0.13 -14.66 -2.88
#